data_4QL5
#
_entry.id   4QL5
#
_cell.length_a   83.636
_cell.length_b   83.636
_cell.length_c   50.575
_cell.angle_alpha   90.00
_cell.angle_beta   90.00
_cell.angle_gamma   90.00
#
_symmetry.space_group_name_H-M   'P 41 21 2'
#
loop_
_entity.id
_entity.type
_entity.pdbx_description
1 polymer 'Translation initiation factor IF-1'
2 non-polymer 'ZINC ION'
3 non-polymer GLYCEROL
4 non-polymer 'ACETATE ION'
5 water water
#
_entity_poly.entity_id   1
_entity_poly.type   'polypeptide(L)'
_entity_poly.pdbx_seq_one_letter_code
;GMAKDDVIEVEGKVVDTMPNAMFTVELENGHQILATVSGKIRKNYIRILAGDRVTVEMSPYDLTRGRITYRFK
;
_entity_poly.pdbx_strand_id   A,B
#
# COMPACT_ATOMS: atom_id res chain seq x y z
N ASP A 6 2.25 0.41 17.30
CA ASP A 6 1.71 0.35 15.97
C ASP A 6 2.66 1.04 15.01
N VAL A 7 2.23 1.26 13.79
CA VAL A 7 3.06 1.93 12.82
C VAL A 7 2.22 2.94 12.08
N ILE A 8 2.83 4.02 11.65
CA ILE A 8 2.15 4.94 10.77
C ILE A 8 2.83 4.89 9.41
N GLU A 9 2.10 5.15 8.34
CA GLU A 9 2.73 5.08 7.02
C GLU A 9 2.97 6.47 6.45
N VAL A 10 4.17 6.66 5.92
CA VAL A 10 4.51 7.90 5.22
C VAL A 10 5.09 7.58 3.86
N GLU A 11 4.97 8.53 2.93
CA GLU A 11 5.56 8.38 1.62
C GLU A 11 6.70 9.35 1.43
N GLY A 12 7.70 8.95 0.66
CA GLY A 12 8.87 9.79 0.43
C GLY A 12 9.70 9.35 -0.75
N LYS A 13 10.78 10.09 -1.00
CA LYS A 13 11.67 9.80 -2.10
C LYS A 13 13.01 9.28 -1.59
N VAL A 14 13.52 8.23 -2.22
CA VAL A 14 14.82 7.67 -1.87
C VAL A 14 15.92 8.64 -2.27
N VAL A 15 16.70 9.09 -1.30
CA VAL A 15 17.70 10.12 -1.54
C VAL A 15 19.12 9.52 -1.60
N ASP A 16 19.43 8.64 -0.65
CA ASP A 16 20.77 8.10 -0.55
C ASP A 16 20.78 6.58 -0.36
N THR A 17 21.73 5.92 -1.02
CA THR A 17 21.91 4.48 -0.87
C THR A 17 23.09 4.24 0.09
N MET A 18 22.78 3.60 1.21
CA MET A 18 23.74 3.42 2.32
C MET A 18 24.15 1.99 2.65
N PRO A 19 24.73 1.74 3.83
CA PRO A 19 25.45 0.45 3.89
C PRO A 19 24.70 -0.87 3.60
N ASN A 20 24.36 -1.62 4.64
CA ASN A 20 23.66 -2.89 4.45
C ASN A 20 22.21 -2.69 4.04
N ALA A 21 22.02 -2.26 2.81
CA ALA A 21 20.69 -2.06 2.21
C ALA A 21 19.77 -1.15 3.02
N MET A 22 20.37 -0.20 3.74
CA MET A 22 19.59 0.82 4.43
C MET A 22 19.52 2.07 3.55
N PHE A 23 18.41 2.79 3.62
CA PHE A 23 18.21 3.93 2.71
C PHE A 23 17.85 5.21 3.46
N THR A 24 18.27 6.34 2.89
CA THR A 24 17.82 7.64 3.36
C THR A 24 16.60 8.07 2.56
N VAL A 25 15.48 8.25 3.24
CA VAL A 25 14.24 8.62 2.58
C VAL A 25 13.83 10.04 2.99
N GLU A 26 13.55 10.88 2.00
CA GLU A 26 13.12 12.24 2.25
C GLU A 26 11.61 12.36 2.12
N LEU A 27 10.95 12.71 3.22
CA LEU A 27 9.50 12.83 3.24
C LEU A 27 9.04 14.12 2.56
N GLU A 28 7.72 14.28 2.46
CA GLU A 28 7.13 15.46 1.81
C GLU A 28 7.57 16.74 2.51
N ASN A 29 7.69 16.70 3.82
CA ASN A 29 8.01 17.89 4.61
C ASN A 29 9.51 18.14 4.73
N GLY A 30 10.31 17.42 3.96
CA GLY A 30 11.74 17.66 3.92
C GLY A 30 12.52 16.93 5.00
N HIS A 31 11.81 16.41 6.00
CA HIS A 31 12.45 15.59 7.02
C HIS A 31 12.98 14.30 6.40
N GLN A 32 14.11 13.83 6.91
CA GLN A 32 14.72 12.62 6.38
C GLN A 32 14.78 11.52 7.44
N ILE A 33 14.41 10.31 7.02
CA ILE A 33 14.40 9.17 7.93
C ILE A 33 15.24 8.03 7.39
N LEU A 34 15.77 7.21 8.30
CA LEU A 34 16.57 6.05 7.91
C LEU A 34 15.67 4.84 7.71
N ALA A 35 15.88 4.12 6.61
CA ALA A 35 14.95 3.04 6.26
C ALA A 35 15.64 1.77 5.81
N THR A 36 15.11 0.64 6.27
CA THR A 36 15.47 -0.66 5.74
C THR A 36 14.41 -1.09 4.73
N VAL A 37 14.66 -2.20 4.04
CA VAL A 37 13.71 -2.70 3.05
C VAL A 37 12.99 -3.94 3.58
N SER A 38 11.68 -3.96 3.47
CA SER A 38 10.88 -5.09 3.93
C SER A 38 11.24 -6.35 3.15
N GLY A 39 11.17 -7.49 3.83
CA GLY A 39 11.50 -8.76 3.21
C GLY A 39 10.59 -9.08 2.03
N LYS A 40 9.36 -8.59 2.09
CA LYS A 40 8.40 -8.79 0.99
C LYS A 40 8.91 -8.17 -0.30
N ILE A 41 9.56 -7.02 -0.17
CA ILE A 41 10.07 -6.30 -1.34
C ILE A 41 11.25 -7.03 -1.97
N ARG A 42 12.18 -7.50 -1.14
CA ARG A 42 13.35 -8.24 -1.60
CA ARG A 42 13.35 -8.21 -1.65
C ARG A 42 12.96 -9.49 -2.38
N LYS A 43 12.19 -10.35 -1.74
CA LYS A 43 11.83 -11.65 -2.29
C LYS A 43 10.87 -11.55 -3.48
N ASN A 44 10.40 -10.35 -3.78
CA ASN A 44 9.58 -10.14 -4.96
C ASN A 44 10.36 -9.47 -6.09
N TYR A 45 11.68 -9.46 -5.93
CA TYR A 45 12.58 -8.93 -6.96
C TYR A 45 12.25 -7.48 -7.31
N ILE A 46 11.92 -6.69 -6.29
CA ILE A 46 11.70 -5.26 -6.47
C ILE A 46 12.95 -4.50 -6.06
N ARG A 47 13.50 -3.71 -6.97
CA ARG A 47 14.70 -2.95 -6.68
C ARG A 47 14.37 -1.56 -6.15
N ILE A 48 15.18 -1.07 -5.23
CA ILE A 48 14.99 0.26 -4.65
C ILE A 48 16.14 1.17 -5.06
N LEU A 49 15.88 2.05 -6.02
CA LEU A 49 16.91 2.95 -6.55
C LEU A 49 16.76 4.36 -5.98
N ALA A 50 17.78 5.19 -6.22
CA ALA A 50 17.70 6.60 -5.85
C ALA A 50 16.69 7.31 -6.74
N GLY A 51 15.90 8.19 -6.12
CA GLY A 51 14.88 8.91 -6.85
C GLY A 51 13.54 8.19 -6.84
N ASP A 52 13.54 6.96 -6.34
CA ASP A 52 12.31 6.17 -6.24
C ASP A 52 11.38 6.73 -5.17
N ARG A 53 10.12 6.84 -5.53
CA ARG A 53 9.10 6.96 -4.44
CA ARG A 53 9.07 6.94 -4.49
C ARG A 53 8.58 5.62 -3.70
N VAL A 54 8.66 5.86 -2.39
CA VAL A 54 8.36 4.68 -1.58
C VAL A 54 7.39 4.96 -0.45
N THR A 55 6.71 3.91 0.01
CA THR A 55 5.93 3.97 1.24
C THR A 55 6.76 3.37 2.37
N VAL A 56 6.85 4.08 3.49
CA VAL A 56 7.65 3.64 4.62
C VAL A 56 6.81 3.48 5.88
N GLU A 57 6.93 2.34 6.54
CA GLU A 57 6.27 2.11 7.82
C GLU A 57 7.16 2.55 8.98
N MET A 58 6.69 3.53 9.73
CA MET A 58 7.46 4.11 10.82
C MET A 58 7.16 3.44 12.14
N SER A 59 8.19 2.91 12.79
CA SER A 59 8.06 2.45 14.16
C SER A 59 7.77 3.67 15.03
N PRO A 60 6.67 3.62 15.79
CA PRO A 60 6.11 4.75 16.56
C PRO A 60 7.07 5.26 17.62
N TYR A 61 7.77 4.33 18.25
CA TYR A 61 8.76 4.65 19.25
C TYR A 61 10.01 5.25 18.69
N ASP A 62 10.24 5.06 17.41
CA ASP A 62 11.46 5.51 16.76
C ASP A 62 11.14 6.19 15.43
N LEU A 63 10.91 7.50 15.48
CA LEU A 63 10.53 8.26 14.31
C LEU A 63 11.74 8.66 13.48
N THR A 64 12.90 8.11 13.81
CA THR A 64 14.11 8.32 13.03
C THR A 64 14.24 7.24 11.97
N ARG A 65 13.84 6.03 12.33
CA ARG A 65 13.99 4.87 11.45
C ARG A 65 12.64 4.38 10.91
N GLY A 66 12.69 3.70 9.76
CA GLY A 66 11.49 3.17 9.14
C GLY A 66 11.76 1.93 8.31
N ARG A 67 10.74 1.44 7.61
CA ARG A 67 10.88 0.27 6.76
C ARG A 67 10.07 0.41 5.47
N ILE A 68 10.75 0.31 4.34
CA ILE A 68 10.11 0.44 3.03
C ILE A 68 9.23 -0.76 2.72
N THR A 69 7.93 -0.51 2.56
CA THR A 69 6.96 -1.57 2.33
C THR A 69 6.38 -1.56 0.92
N TYR A 70 6.70 -0.51 0.16
CA TYR A 70 6.17 -0.37 -1.18
C TYR A 70 6.99 0.59 -2.02
N ARG A 71 7.17 0.26 -3.30
CA ARG A 71 7.80 1.16 -4.25
C ARG A 71 6.80 1.52 -5.35
N PHE A 72 6.61 2.81 -5.58
CA PHE A 72 5.68 3.27 -6.61
C PHE A 72 6.27 3.04 -8.00
N LYS A 73 5.41 2.69 -8.95
CA LYS A 73 5.81 2.31 -10.30
C LYS A 73 6.77 1.12 -10.27
N ILE B 8 -4.11 -0.07 -14.09
CA ILE B 8 -5.14 0.81 -13.58
C ILE B 8 -5.74 0.20 -12.31
N GLU B 9 -5.38 -1.04 -12.05
CA GLU B 9 -5.79 -1.77 -10.89
C GLU B 9 -4.71 -1.75 -9.81
N VAL B 10 -5.12 -1.69 -8.57
CA VAL B 10 -4.21 -1.78 -7.47
C VAL B 10 -4.59 -3.00 -6.67
N GLU B 11 -3.65 -3.54 -5.93
CA GLU B 11 -3.85 -4.72 -5.08
C GLU B 11 -3.97 -4.31 -3.62
N GLY B 12 -4.87 -4.97 -2.90
CA GLY B 12 -5.09 -4.63 -1.50
C GLY B 12 -5.77 -5.72 -0.70
N LYS B 13 -5.82 -5.51 0.61
CA LYS B 13 -6.46 -6.46 1.51
C LYS B 13 -7.69 -5.82 2.15
N VAL B 14 -8.77 -6.59 2.24
CA VAL B 14 -10.00 -6.10 2.85
C VAL B 14 -9.84 -5.95 4.36
N VAL B 15 -10.06 -4.75 4.86
CA VAL B 15 -9.92 -4.47 6.28
C VAL B 15 -11.27 -4.56 6.98
N ASP B 16 -12.30 -3.99 6.35
CA ASP B 16 -13.59 -3.85 7.00
C ASP B 16 -14.75 -4.01 6.04
N THR B 17 -15.86 -4.54 6.55
CA THR B 17 -17.09 -4.66 5.77
C THR B 17 -18.13 -3.67 6.28
N MET B 18 -18.68 -2.86 5.42
CA MET B 18 -19.67 -1.89 5.82
C MET B 18 -21.02 -2.27 5.25
N PRO B 19 -22.07 -1.63 5.74
CA PRO B 19 -23.39 -1.94 5.18
C PRO B 19 -23.52 -1.50 3.72
N ASN B 20 -24.50 -2.08 3.02
CA ASN B 20 -24.76 -1.75 1.61
C ASN B 20 -23.58 -2.04 0.70
N ALA B 21 -23.00 -3.23 0.83
CA ALA B 21 -21.94 -3.72 -0.04
C ALA B 21 -20.75 -2.78 -0.15
N MET B 22 -20.37 -2.16 0.96
CA MET B 22 -19.21 -1.28 1.00
C MET B 22 -18.06 -1.97 1.74
N PHE B 23 -16.83 -1.68 1.34
CA PHE B 23 -15.67 -2.31 1.94
C PHE B 23 -14.52 -1.33 2.16
N THR B 24 -13.87 -1.44 3.31
CA THR B 24 -12.64 -0.69 3.55
C THR B 24 -11.45 -1.54 3.13
N VAL B 25 -10.64 -1.01 2.21
CA VAL B 25 -9.52 -1.76 1.66
C VAL B 25 -8.20 -1.07 1.92
N GLU B 26 -7.25 -1.81 2.50
CA GLU B 26 -5.90 -1.32 2.67
C GLU B 26 -5.04 -1.73 1.48
N LEU B 27 -4.72 -0.76 0.63
CA LEU B 27 -3.92 -1.03 -0.56
C LEU B 27 -2.47 -1.33 -0.20
N GLU B 28 -1.75 -1.94 -1.12
CA GLU B 28 -0.34 -2.27 -0.90
C GLU B 28 0.53 -1.03 -0.75
N ASN B 29 0.10 0.07 -1.37
CA ASN B 29 0.86 1.32 -1.29
C ASN B 29 0.64 2.06 0.03
N GLY B 30 -0.21 1.48 0.88
CA GLY B 30 -0.47 2.05 2.20
C GLY B 30 -1.77 2.82 2.27
N HIS B 31 -2.35 3.15 1.12
CA HIS B 31 -3.60 3.89 1.08
C HIS B 31 -4.78 3.07 1.62
N GLN B 32 -5.64 3.74 2.38
CA GLN B 32 -6.89 3.14 2.80
C GLN B 32 -8.03 3.74 1.99
N ILE B 33 -8.79 2.90 1.31
CA ILE B 33 -9.87 3.39 0.46
C ILE B 33 -11.21 2.77 0.83
N LEU B 34 -12.28 3.44 0.45
CA LEU B 34 -13.63 2.90 0.61
C LEU B 34 -14.10 2.36 -0.73
N ALA B 35 -14.38 1.06 -0.78
CA ALA B 35 -14.61 0.41 -2.06
C ALA B 35 -16.01 -0.20 -2.20
N THR B 36 -16.59 -0.03 -3.38
CA THR B 36 -17.78 -0.76 -3.76
C THR B 36 -17.35 -2.07 -4.40
N VAL B 37 -18.31 -2.85 -4.90
CA VAL B 37 -18.00 -4.05 -5.67
C VAL B 37 -18.51 -3.90 -7.10
N SER B 38 -17.76 -4.43 -8.06
CA SER B 38 -18.15 -4.37 -9.47
C SER B 38 -19.43 -5.15 -9.69
N GLY B 39 -20.13 -4.84 -10.78
CA GLY B 39 -21.36 -5.54 -11.12
C GLY B 39 -21.14 -7.03 -11.24
N LYS B 40 -20.02 -7.41 -11.87
CA LYS B 40 -19.67 -8.81 -12.08
C LYS B 40 -19.53 -9.56 -10.75
N ILE B 41 -18.97 -8.89 -9.75
CA ILE B 41 -18.77 -9.48 -8.44
C ILE B 41 -20.10 -9.81 -7.76
N ARG B 42 -21.05 -8.88 -7.84
CA ARG B 42 -22.36 -9.08 -7.24
C ARG B 42 -23.17 -10.17 -7.95
N LYS B 43 -23.20 -10.11 -9.28
CA LYS B 43 -23.96 -11.06 -10.09
C LYS B 43 -23.53 -12.50 -9.82
N ASN B 44 -22.25 -12.69 -9.55
CA ASN B 44 -21.70 -14.02 -9.33
C ASN B 44 -21.71 -14.43 -7.85
N TYR B 45 -22.35 -13.60 -7.03
CA TYR B 45 -22.51 -13.88 -5.60
C TYR B 45 -21.19 -14.15 -4.90
N ILE B 46 -20.16 -13.39 -5.27
CA ILE B 46 -18.85 -13.53 -4.65
C ILE B 46 -18.86 -12.96 -3.23
N ARG B 47 -18.61 -13.80 -2.24
CA ARG B 47 -18.59 -13.37 -0.85
C ARG B 47 -17.23 -12.79 -0.47
N ILE B 48 -17.22 -11.55 0.00
CA ILE B 48 -15.99 -10.88 0.38
C ILE B 48 -15.94 -10.64 1.90
N LEU B 49 -14.90 -11.16 2.54
CA LEU B 49 -14.77 -11.03 3.99
C LEU B 49 -13.48 -10.28 4.36
N ALA B 50 -13.37 -9.91 5.63
CA ALA B 50 -12.18 -9.23 6.12
C ALA B 50 -10.96 -10.15 5.99
N GLY B 51 -9.87 -9.60 5.47
CA GLY B 51 -8.66 -10.38 5.28
C GLY B 51 -8.49 -10.85 3.84
N ASP B 52 -9.57 -10.81 3.08
CA ASP B 52 -9.53 -11.22 1.68
C ASP B 52 -8.65 -10.28 0.87
N ARG B 53 -7.86 -10.87 -0.04
CA ARG B 53 -7.06 -10.07 -0.96
C ARG B 53 -7.86 -9.78 -2.21
N VAL B 54 -7.85 -8.52 -2.63
CA VAL B 54 -8.66 -8.08 -3.75
C VAL B 54 -7.85 -7.22 -4.71
N THR B 55 -8.34 -7.10 -5.95
CA THR B 55 -7.86 -6.08 -6.86
C THR B 55 -8.90 -4.97 -6.91
N VAL B 56 -8.43 -3.73 -6.97
CA VAL B 56 -9.33 -2.59 -6.96
C VAL B 56 -9.07 -1.66 -8.14
N GLU B 57 -10.13 -1.25 -8.82
CA GLU B 57 -10.04 -0.19 -9.79
C GLU B 57 -10.34 1.15 -9.12
N MET B 58 -9.35 2.03 -9.08
CA MET B 58 -9.50 3.32 -8.43
C MET B 58 -10.47 4.24 -9.18
N SER B 59 -11.16 5.09 -8.44
CA SER B 59 -12.06 6.08 -9.04
C SER B 59 -11.27 7.27 -9.55
N PRO B 60 -11.50 7.67 -10.81
CA PRO B 60 -10.81 8.82 -11.42
C PRO B 60 -11.24 10.14 -10.78
N TYR B 61 -12.39 10.14 -10.13
CA TYR B 61 -12.98 11.36 -9.60
C TYR B 61 -12.75 11.51 -8.09
N ASP B 62 -12.56 10.38 -7.42
CA ASP B 62 -12.29 10.38 -5.99
C ASP B 62 -11.15 9.42 -5.67
N LEU B 63 -10.04 9.97 -5.18
CA LEU B 63 -8.84 9.18 -4.95
C LEU B 63 -8.90 8.35 -3.67
N THR B 64 -9.99 8.48 -2.92
CA THR B 64 -10.17 7.71 -1.70
C THR B 64 -11.16 6.58 -1.90
N ARG B 65 -11.65 6.43 -3.13
CA ARG B 65 -12.66 5.43 -3.42
C ARG B 65 -12.33 4.61 -4.67
N GLY B 66 -12.92 3.43 -4.76
CA GLY B 66 -12.70 2.55 -5.89
C GLY B 66 -13.72 1.43 -5.88
N ARG B 67 -13.53 0.45 -6.75
CA ARG B 67 -14.41 -0.72 -6.76
C ARG B 67 -13.61 -2.01 -6.87
N ILE B 68 -14.01 -3.00 -6.09
CA ILE B 68 -13.36 -4.32 -6.12
C ILE B 68 -13.72 -5.04 -7.41
N THR B 69 -12.70 -5.45 -8.17
CA THR B 69 -12.93 -6.09 -9.46
C THR B 69 -12.65 -7.58 -9.42
N TYR B 70 -11.96 -8.03 -8.37
CA TYR B 70 -11.66 -9.46 -8.21
C TYR B 70 -11.28 -9.80 -6.79
N ARG B 71 -11.75 -10.96 -6.32
CA ARG B 71 -11.40 -11.46 -4.99
CA ARG B 71 -11.39 -11.45 -5.00
C ARG B 71 -10.58 -12.74 -5.13
N PHE B 72 -9.38 -12.73 -4.59
CA PHE B 72 -8.51 -13.91 -4.66
C PHE B 72 -8.95 -14.98 -3.67
N LYS B 73 -8.91 -16.24 -4.11
CA LYS B 73 -9.34 -17.34 -3.27
C LYS B 73 -8.14 -18.03 -2.62
#